data_3HVM
#
_entry.id   3HVM
#
_cell.length_a   52.082
_cell.length_b   52.082
_cell.length_c   246.398
_cell.angle_alpha   90.000
_cell.angle_beta   90.000
_cell.angle_gamma   120.000
#
_symmetry.space_group_name_H-M   'P 32 2 1'
#
loop_
_entity.id
_entity.type
_entity.pdbx_description
1 polymer 'AGMATINE DEIMINASE'
2 water water
#
_entity_poly.entity_id   1
_entity_poly.type   'polypeptide(L)'
_entity_poly.pdbx_seq_one_letter_code
;MKRMLAEFEKIQAILMAFPHEFSDWAYCIKEARESFLNIIQTIAKHAKVLVCVHTNDTIGYEMLKNLPGVEIAKVDTNDT
WARDFGAISIENHGVLECLDFGFNGWGLKYPSNLDNQVNFKLKSLGFLKHPLKTMPYVLEGGSIESDGAGSILTNTQCLL
EKNRNPHLNQNGIETMLKKELGAKQVLWYSYGYLKGDDTDSHTDTLARFLDKDTIVYSACEDKNDEHYTALKKMQEELKT
FKKLDKTPYKLIPLEIPKAIFDENQQRLPATYVNFLLCNDALIVPTYNDPKDALILETLKQHTPLEVIGVDCNTLIKQHG
SLHCVTMQLY
;
_entity_poly.pdbx_strand_id   A
#
# COMPACT_ATOMS: atom_id res chain seq x y z
N MET A 1 10.50 -17.07 16.65
CA MET A 1 11.20 -16.21 15.64
C MET A 1 10.33 -15.87 14.42
N LYS A 2 9.48 -14.86 14.56
CA LYS A 2 8.64 -14.46 13.43
C LYS A 2 9.17 -13.22 12.69
N ARG A 3 8.82 -13.09 11.41
CA ARG A 3 9.24 -11.92 10.63
C ARG A 3 8.20 -11.57 9.55
N MET A 4 7.95 -10.28 9.35
CA MET A 4 7.00 -9.86 8.35
C MET A 4 7.78 -9.89 7.04
N LEU A 5 7.33 -10.69 6.06
CA LEU A 5 8.07 -10.70 4.79
C LEU A 5 8.02 -9.32 4.08
N ALA A 6 9.11 -8.98 3.40
CA ALA A 6 9.25 -7.71 2.71
C ALA A 6 8.61 -7.86 1.36
N GLU A 7 8.22 -6.74 0.78
CA GLU A 7 7.54 -6.73 -0.53
C GLU A 7 8.50 -7.14 -1.66
N PHE A 8 9.78 -6.81 -1.47
CA PHE A 8 10.85 -7.21 -2.38
C PHE A 8 11.23 -8.70 -2.34
N GLU A 9 10.54 -9.52 -1.53
CA GLU A 9 10.76 -10.99 -1.62
C GLU A 9 9.93 -11.55 -2.73
N LYS A 10 10.09 -12.85 -2.97
CA LYS A 10 9.39 -13.63 -3.99
C LYS A 10 7.92 -13.73 -3.63
N ILE A 11 7.08 -13.16 -4.50
CA ILE A 11 5.64 -13.05 -4.32
C ILE A 11 4.96 -14.14 -5.14
N GLN A 12 3.96 -14.82 -4.56
CA GLN A 12 3.15 -15.82 -5.25
C GLN A 12 1.97 -15.19 -6.01
N ALA A 13 1.30 -14.24 -5.38
CA ALA A 13 0.19 -13.59 -6.04
C ALA A 13 -0.05 -12.19 -5.49
N ILE A 14 -0.81 -11.42 -6.22
CA ILE A 14 -1.12 -10.06 -5.76
C ILE A 14 -2.64 -10.06 -5.64
N LEU A 15 -3.10 -9.81 -4.42
CA LEU A 15 -4.53 -9.71 -4.19
C LEU A 15 -5.06 -8.27 -4.52
N MET A 16 -6.16 -8.21 -5.25
CA MET A 16 -6.84 -6.96 -5.65
C MET A 16 -8.33 -7.09 -5.49
N ALA A 17 -9.06 -6.03 -5.84
CA ALA A 17 -10.53 -6.01 -5.78
C ALA A 17 -11.04 -5.04 -6.85
N PHE A 18 -11.83 -5.56 -7.77
CA PHE A 18 -12.24 -4.82 -8.95
C PHE A 18 -13.21 -3.68 -8.62
N PRO A 19 -13.09 -2.52 -9.29
CA PRO A 19 -14.13 -1.54 -8.99
C PRO A 19 -15.49 -2.07 -9.44
N HIS A 20 -16.55 -1.69 -8.71
CA HIS A 20 -17.93 -2.04 -9.03
C HIS A 20 -18.84 -0.83 -8.70
N GLU A 21 -20.10 -0.97 -9.05
CA GLU A 21 -21.01 0.16 -8.94
C GLU A 21 -21.66 0.35 -7.56
N PHE A 22 -21.42 -0.58 -6.65
CA PHE A 22 -21.86 -0.50 -5.23
C PHE A 22 -20.88 0.33 -4.32
N SER A 23 -20.39 1.41 -4.89
CA SER A 23 -19.34 2.20 -4.25
C SER A 23 -19.21 3.56 -4.99
N ASP A 24 -18.29 4.43 -4.55
CA ASP A 24 -17.96 5.70 -5.21
C ASP A 24 -17.37 5.55 -6.61
N TRP A 25 -16.83 4.38 -6.95
CA TRP A 25 -16.47 4.20 -8.34
C TRP A 25 -17.65 4.26 -9.35
N ALA A 26 -18.87 3.97 -8.85
CA ALA A 26 -20.11 4.26 -9.58
C ALA A 26 -20.13 5.56 -10.43
N TYR A 27 -19.67 6.70 -9.90
CA TYR A 27 -19.74 7.99 -10.69
C TYR A 27 -18.68 8.15 -11.80
N CYS A 28 -18.08 7.02 -12.22
CA CYS A 28 -17.07 6.98 -13.29
C CYS A 28 -16.64 5.51 -13.50
N ILE A 29 -17.60 4.61 -13.38
CA ILE A 29 -17.30 3.18 -13.39
C ILE A 29 -16.57 2.67 -14.65
N LYS A 30 -16.90 3.23 -15.82
CA LYS A 30 -16.28 2.82 -17.10
C LYS A 30 -14.77 3.14 -17.18
N GLU A 31 -14.38 4.35 -16.80
CA GLU A 31 -12.96 4.71 -16.61
C GLU A 31 -12.24 3.85 -15.53
N ALA A 32 -12.94 3.64 -14.43
CA ALA A 32 -12.41 2.87 -13.34
C ALA A 32 -12.11 1.44 -13.81
N ARG A 33 -13.10 0.83 -14.44
CA ARG A 33 -12.97 -0.51 -15.08
C ARG A 33 -11.75 -0.64 -15.98
N GLU A 34 -11.67 0.27 -16.96
CA GLU A 34 -10.44 0.48 -17.77
C GLU A 34 -9.09 0.47 -17.05
N SER A 35 -8.91 1.36 -16.06
CA SER A 35 -7.58 1.52 -15.44
C SER A 35 -7.21 0.25 -14.70
N PHE A 36 -8.17 -0.30 -13.95
CA PHE A 36 -7.95 -1.50 -13.18
C PHE A 36 -7.62 -2.68 -14.10
N LEU A 37 -8.31 -2.77 -15.24
CA LEU A 37 -7.99 -3.78 -16.21
C LEU A 37 -6.57 -3.62 -16.74
N ASN A 38 -6.18 -2.37 -16.99
CA ASN A 38 -4.85 -2.06 -17.48
C ASN A 38 -3.80 -2.38 -16.40
N ILE A 39 -4.08 -1.96 -15.16
CA ILE A 39 -3.23 -2.29 -13.99
C ILE A 39 -3.09 -3.81 -13.81
N ILE A 40 -4.24 -4.50 -13.74
CA ILE A 40 -4.30 -5.94 -13.60
C ILE A 40 -3.43 -6.66 -14.64
N GLN A 41 -3.63 -6.36 -15.92
CA GLN A 41 -2.81 -7.00 -16.97
C GLN A 41 -1.32 -6.64 -16.86
N THR A 42 -0.98 -5.38 -16.58
CA THR A 42 0.42 -5.04 -16.31
C THR A 42 1.04 -5.96 -15.20
N ILE A 43 0.30 -6.21 -14.12
CA ILE A 43 0.86 -6.89 -12.96
C ILE A 43 0.91 -8.41 -13.21
N ALA A 44 -0.08 -8.93 -13.91
CA ALA A 44 -0.18 -10.37 -14.18
C ALA A 44 1.00 -10.96 -15.03
N LYS A 45 1.74 -10.09 -15.72
CA LYS A 45 3.02 -10.47 -16.40
C LYS A 45 4.18 -10.80 -15.45
N HIS A 46 4.02 -10.50 -14.15
CA HIS A 46 5.07 -10.59 -13.13
C HIS A 46 4.68 -11.39 -11.89
N ALA A 47 3.37 -11.49 -11.65
CA ALA A 47 2.78 -12.29 -10.56
C ALA A 47 1.33 -12.60 -10.94
N LYS A 48 0.82 -13.75 -10.51
CA LYS A 48 -0.60 -14.07 -10.63
C LYS A 48 -1.39 -13.04 -9.83
N VAL A 49 -2.54 -12.64 -10.38
CA VAL A 49 -3.47 -11.75 -9.74
C VAL A 49 -4.69 -12.54 -9.20
N LEU A 50 -4.99 -12.37 -7.90
CA LEU A 50 -6.27 -12.88 -7.37
C LEU A 50 -7.16 -11.64 -7.12
N VAL A 51 -8.27 -11.53 -7.84
CA VAL A 51 -9.13 -10.34 -7.78
C VAL A 51 -10.49 -10.63 -7.13
N CYS A 52 -10.87 -9.85 -6.10
CA CYS A 52 -12.23 -9.90 -5.60
C CYS A 52 -13.15 -9.22 -6.61
N VAL A 53 -14.25 -9.86 -6.94
CA VAL A 53 -15.28 -9.31 -7.82
C VAL A 53 -16.56 -9.42 -7.00
N HIS A 54 -17.21 -8.29 -6.77
CA HIS A 54 -18.44 -8.24 -6.02
C HIS A 54 -19.38 -9.36 -6.56
N THR A 55 -19.96 -10.18 -5.67
CA THR A 55 -20.99 -11.16 -6.07
C THR A 55 -22.06 -10.76 -7.13
N ASN A 56 -22.35 -9.47 -7.25
CA ASN A 56 -23.31 -8.92 -8.18
C ASN A 56 -22.68 -8.10 -9.31
N ASP A 57 -21.36 -8.20 -9.47
CA ASP A 57 -20.70 -7.48 -10.56
C ASP A 57 -20.49 -8.42 -11.75
N THR A 58 -21.56 -8.58 -12.53
CA THR A 58 -21.56 -9.40 -13.75
C THR A 58 -20.58 -8.86 -14.78
N ILE A 59 -20.63 -7.55 -14.99
CA ILE A 59 -19.80 -6.91 -15.97
C ILE A 59 -18.32 -7.15 -15.71
N GLY A 60 -17.91 -6.93 -14.46
CA GLY A 60 -16.55 -7.10 -14.10
C GLY A 60 -16.11 -8.53 -14.15
N TYR A 61 -17.01 -9.44 -13.76
CA TYR A 61 -16.77 -10.88 -13.89
C TYR A 61 -16.35 -11.20 -15.32
N GLU A 62 -17.13 -10.71 -16.29
CA GLU A 62 -16.90 -10.95 -17.69
C GLU A 62 -15.59 -10.36 -18.12
N MET A 63 -15.37 -9.10 -17.76
CA MET A 63 -14.16 -8.43 -18.18
C MET A 63 -12.89 -9.16 -17.74
N LEU A 64 -13.01 -10.03 -16.75
CA LEU A 64 -11.84 -10.63 -16.08
C LEU A 64 -11.74 -12.15 -16.19
N LYS A 65 -12.84 -12.83 -16.52
CA LYS A 65 -12.82 -14.32 -16.51
C LYS A 65 -11.89 -14.99 -17.53
N ASN A 66 -11.50 -14.27 -18.57
CA ASN A 66 -10.65 -14.86 -19.65
C ASN A 66 -9.26 -14.22 -19.72
N LEU A 67 -8.86 -13.63 -18.61
CA LEU A 67 -7.59 -12.97 -18.54
C LEU A 67 -6.50 -13.95 -18.03
N PRO A 68 -5.46 -14.23 -18.85
CA PRO A 68 -4.41 -15.14 -18.38
C PRO A 68 -3.73 -14.67 -17.09
N GLY A 69 -3.45 -15.60 -16.17
CA GLY A 69 -2.73 -15.29 -14.94
C GLY A 69 -3.56 -14.53 -13.91
N VAL A 70 -4.89 -14.58 -14.09
CA VAL A 70 -5.90 -13.94 -13.22
C VAL A 70 -6.84 -15.01 -12.69
N GLU A 71 -7.02 -15.01 -11.37
CA GLU A 71 -8.01 -15.82 -10.71
C GLU A 71 -9.04 -14.93 -9.99
N ILE A 72 -10.29 -15.30 -10.08
CA ILE A 72 -11.33 -14.45 -9.57
C ILE A 72 -11.90 -15.03 -8.30
N ALA A 73 -12.06 -14.16 -7.30
CA ALA A 73 -12.75 -14.54 -6.06
C ALA A 73 -14.03 -13.75 -5.94
N LYS A 74 -15.16 -14.45 -5.87
CA LYS A 74 -16.46 -13.76 -5.73
C LYS A 74 -16.70 -13.32 -4.29
N VAL A 75 -16.26 -12.09 -3.98
CA VAL A 75 -16.24 -11.55 -2.61
C VAL A 75 -16.65 -10.07 -2.67
N ASP A 76 -17.64 -9.67 -1.86
CA ASP A 76 -18.12 -8.30 -1.90
C ASP A 76 -17.14 -7.33 -1.15
N THR A 77 -16.96 -6.10 -1.65
CA THR A 77 -16.12 -5.12 -0.98
C THR A 77 -16.83 -3.72 -0.94
N ASN A 78 -16.41 -2.82 -0.05
CA ASN A 78 -16.88 -1.43 -0.07
C ASN A 78 -16.10 -0.64 -1.11
N ASP A 79 -14.88 -1.08 -1.39
CA ASP A 79 -13.94 -0.36 -2.24
C ASP A 79 -12.73 -1.19 -2.69
N THR A 80 -11.80 -0.51 -3.36
CA THR A 80 -10.72 -1.19 -4.09
C THR A 80 -9.36 -1.39 -3.39
N TRP A 81 -9.29 -0.93 -2.15
CA TRP A 81 -8.03 -0.69 -1.51
C TRP A 81 -7.55 -1.88 -0.72
N ALA A 82 -7.14 -2.95 -1.45
CA ALA A 82 -6.79 -4.23 -0.83
C ALA A 82 -5.54 -4.11 0.05
N ARG A 83 -4.74 -3.05 -0.15
CA ARG A 83 -3.49 -2.85 0.61
C ARG A 83 -3.85 -2.71 2.07
N ASP A 84 -5.01 -2.14 2.33
CA ASP A 84 -5.35 -1.74 3.72
C ASP A 84 -6.31 -2.70 4.36
N PHE A 85 -6.99 -3.56 3.58
CA PHE A 85 -7.82 -4.57 4.23
C PHE A 85 -7.19 -5.96 4.08
N GLY A 86 -6.17 -6.10 3.22
CA GLY A 86 -5.62 -7.38 2.94
C GLY A 86 -4.80 -7.93 4.04
N ALA A 87 -4.76 -9.27 4.10
CA ALA A 87 -4.02 -9.98 5.13
C ALA A 87 -2.56 -9.59 5.06
N ILE A 88 -1.95 -9.49 6.26
CA ILE A 88 -0.52 -9.25 6.48
C ILE A 88 0.23 -10.57 6.73
N SER A 89 1.25 -10.86 5.90
CA SER A 89 1.88 -12.18 5.88
C SER A 89 3.14 -12.18 6.72
N ILE A 90 3.23 -13.18 7.59
CA ILE A 90 4.44 -13.38 8.40
C ILE A 90 4.94 -14.80 8.13
N GLU A 91 6.23 -15.01 8.32
CA GLU A 91 6.80 -16.31 8.38
C GLU A 91 6.99 -16.56 9.87
N ASN A 92 6.32 -17.57 10.42
CA ASN A 92 6.39 -17.78 11.86
C ASN A 92 7.09 -19.09 12.21
N HIS A 93 8.34 -18.95 12.63
CA HIS A 93 9.22 -20.05 12.91
C HIS A 93 9.31 -21.09 11.75
N GLY A 94 9.31 -20.54 10.52
CA GLY A 94 9.37 -21.36 9.30
C GLY A 94 8.06 -21.45 8.52
N VAL A 95 6.93 -21.34 9.22
CA VAL A 95 5.62 -21.56 8.62
C VAL A 95 4.94 -20.24 8.15
N LEU A 96 4.54 -20.16 6.88
CA LEU A 96 3.71 -19.04 6.38
C LEU A 96 2.40 -18.93 7.16
N GLU A 97 2.06 -17.69 7.54
CA GLU A 97 0.88 -17.40 8.35
C GLU A 97 0.32 -16.08 7.88
N CYS A 98 -1.01 -15.99 7.76
CA CYS A 98 -1.68 -14.77 7.35
C CYS A 98 -2.33 -14.15 8.56
N LEU A 99 -2.14 -12.85 8.75
CA LEU A 99 -2.72 -12.15 9.90
C LEU A 99 -3.86 -11.27 9.43
N ASP A 100 -5.04 -11.57 9.95
CA ASP A 100 -6.27 -10.79 9.65
C ASP A 100 -6.45 -9.66 10.68
N PHE A 101 -5.89 -8.48 10.38
CA PHE A 101 -6.04 -7.38 11.32
C PHE A 101 -7.43 -6.76 11.06
N GLY A 102 -7.92 -5.99 12.00
CA GLY A 102 -9.13 -5.22 11.77
C GLY A 102 -8.86 -4.05 10.84
N PHE A 103 -9.66 -3.99 9.80
CA PHE A 103 -9.78 -2.79 8.98
C PHE A 103 -11.04 -2.01 9.33
N ASN A 104 -10.88 -0.73 9.62
CA ASN A 104 -12.07 -0.01 10.13
C ASN A 104 -12.40 1.28 9.39
N GLY A 105 -12.03 1.34 8.11
CA GLY A 105 -12.38 2.54 7.27
C GLY A 105 -11.50 3.73 7.59
N TRP A 106 -10.22 3.46 7.83
CA TRP A 106 -9.19 4.50 8.15
C TRP A 106 -9.58 5.38 9.39
N GLY A 107 -9.82 4.68 10.48
CA GLY A 107 -10.18 5.31 11.74
C GLY A 107 -11.66 5.70 11.62
N LEU A 108 -12.47 4.81 11.04
CA LEU A 108 -13.94 4.89 11.03
C LEU A 108 -14.51 6.00 10.14
N LYS A 109 -13.78 6.42 9.11
CA LYS A 109 -14.29 7.56 8.33
C LYS A 109 -15.23 7.14 7.23
N TYR A 110 -15.07 5.90 6.76
CA TYR A 110 -15.80 5.36 5.65
C TYR A 110 -16.35 3.99 6.08
N PRO A 111 -17.48 3.54 5.52
CA PRO A 111 -17.90 2.13 5.62
C PRO A 111 -16.85 1.02 5.24
N SER A 112 -16.72 0.00 6.06
CA SER A 112 -15.70 -0.99 5.85
C SER A 112 -16.21 -2.34 6.30
N ASN A 113 -17.54 -2.49 6.39
CA ASN A 113 -18.18 -3.74 6.83
C ASN A 113 -17.86 -4.93 5.91
N LEU A 114 -17.68 -4.68 4.63
CA LEU A 114 -17.34 -5.71 3.67
C LEU A 114 -15.83 -5.91 3.57
N ASP A 115 -15.08 -4.82 3.37
CA ASP A 115 -13.60 -4.85 3.34
C ASP A 115 -13.02 -5.65 4.50
N ASN A 116 -13.48 -5.36 5.71
CA ASN A 116 -12.93 -6.01 6.88
C ASN A 116 -13.04 -7.55 6.86
N GLN A 117 -14.08 -8.06 6.17
CA GLN A 117 -14.43 -9.52 6.10
C GLN A 117 -13.78 -10.21 4.90
N VAL A 118 -13.11 -9.43 4.06
CA VAL A 118 -12.47 -10.00 2.86
C VAL A 118 -11.57 -11.23 3.14
N ASN A 119 -10.58 -11.10 4.04
CA ASN A 119 -9.68 -12.24 4.34
C ASN A 119 -10.44 -13.43 4.82
N PHE A 120 -11.42 -13.17 5.68
CA PHE A 120 -12.26 -14.26 6.17
C PHE A 120 -12.89 -15.07 5.04
N LYS A 121 -13.56 -14.37 4.13
CA LYS A 121 -14.18 -15.01 3.00
C LYS A 121 -13.13 -15.76 2.13
N LEU A 122 -11.97 -15.13 1.87
CA LEU A 122 -11.01 -15.76 0.93
C LEU A 122 -10.52 -17.11 1.45
N LYS A 123 -10.38 -17.17 2.76
CA LYS A 123 -9.89 -18.32 3.49
C LYS A 123 -10.98 -19.40 3.48
N SER A 124 -12.20 -19.00 3.86
CA SER A 124 -13.32 -19.93 3.83
C SER A 124 -13.61 -20.47 2.41
N LEU A 125 -13.27 -19.70 1.37
CA LEU A 125 -13.50 -20.09 -0.01
C LEU A 125 -12.29 -20.85 -0.60
N GLY A 126 -11.27 -21.04 0.24
CA GLY A 126 -10.06 -21.78 -0.06
C GLY A 126 -9.07 -21.06 -0.96
N PHE A 127 -9.22 -19.76 -1.13
CA PHE A 127 -8.25 -19.01 -1.94
C PHE A 127 -6.94 -18.71 -1.23
N LEU A 128 -6.99 -18.49 0.10
CA LEU A 128 -5.79 -18.31 0.93
C LEU A 128 -5.31 -19.64 1.52
N LYS A 129 -4.05 -19.99 1.27
CA LYS A 129 -3.65 -21.39 1.45
C LYS A 129 -2.90 -21.66 2.77
N HIS A 130 -2.80 -20.64 3.61
CA HIS A 130 -2.03 -20.73 4.85
C HIS A 130 -2.94 -20.42 6.01
N PRO A 131 -2.51 -20.72 7.27
CA PRO A 131 -3.37 -20.37 8.42
C PRO A 131 -3.70 -18.85 8.55
N LEU A 132 -4.95 -18.53 8.89
CA LEU A 132 -5.40 -17.15 8.98
C LEU A 132 -5.68 -16.84 10.46
N LYS A 133 -5.00 -15.85 11.00
CA LYS A 133 -5.16 -15.51 12.42
C LYS A 133 -5.97 -14.24 12.49
N THR A 134 -7.02 -14.25 13.30
CA THR A 134 -7.82 -13.05 13.58
C THR A 134 -7.06 -12.23 14.65
N MET A 135 -6.78 -10.96 14.32
CA MET A 135 -5.97 -10.11 15.17
C MET A 135 -6.88 -9.07 15.86
N PRO A 136 -6.69 -8.85 17.18
CA PRO A 136 -7.55 -7.94 17.90
C PRO A 136 -7.03 -6.51 17.87
N TYR A 137 -6.49 -6.06 16.73
CA TYR A 137 -5.95 -4.71 16.62
C TYR A 137 -6.36 -4.15 15.28
N VAL A 138 -6.55 -2.84 15.25
CA VAL A 138 -6.82 -2.19 13.97
C VAL A 138 -5.49 -1.87 13.28
N LEU A 139 -5.28 -2.38 12.07
CA LEU A 139 -4.06 -2.10 11.35
C LEU A 139 -4.24 -2.20 9.88
N GLU A 140 -3.90 -1.12 9.18
CA GLU A 140 -3.84 -1.13 7.71
C GLU A 140 -2.45 -1.51 7.19
N GLY A 141 -2.43 -2.37 6.15
CA GLY A 141 -1.18 -2.73 5.52
C GLY A 141 -0.42 -1.59 4.87
N GLY A 142 -1.12 -0.55 4.39
CA GLY A 142 -0.39 0.66 3.91
C GLY A 142 0.31 1.49 5.01
N SER A 143 -0.02 1.27 6.28
CA SER A 143 0.51 2.07 7.39
C SER A 143 1.88 1.68 7.88
N ILE A 144 2.33 0.48 7.50
CA ILE A 144 3.58 -0.12 7.96
C ILE A 144 4.44 -0.70 6.79
N GLU A 145 5.76 -0.77 7.01
CA GLU A 145 6.72 -1.32 6.01
C GLU A 145 7.67 -2.28 6.65
N SER A 146 7.94 -3.40 5.99
CA SER A 146 8.90 -4.36 6.54
C SER A 146 10.11 -4.39 5.62
N ASP A 147 11.31 -4.47 6.19
CA ASP A 147 12.48 -4.87 5.43
C ASP A 147 12.76 -6.38 5.41
N GLY A 148 11.88 -7.17 6.03
CA GLY A 148 12.06 -8.62 6.15
C GLY A 148 13.19 -9.08 7.08
N ALA A 149 13.87 -8.13 7.72
CA ALA A 149 15.05 -8.43 8.53
C ALA A 149 14.92 -7.75 9.87
N GLY A 150 13.68 -7.61 10.33
CA GLY A 150 13.41 -7.12 11.66
C GLY A 150 13.18 -5.64 11.87
N SER A 151 13.18 -4.85 10.81
CA SER A 151 12.87 -3.40 10.93
C SER A 151 11.50 -3.07 10.33
N ILE A 152 10.65 -2.38 11.11
CA ILE A 152 9.34 -1.93 10.60
C ILE A 152 9.41 -0.43 10.63
N LEU A 153 9.06 0.16 9.51
CA LEU A 153 9.03 1.60 9.36
C LEU A 153 7.55 2.00 9.40
N THR A 154 7.23 2.96 10.25
CA THR A 154 5.84 3.42 10.30
C THR A 154 5.86 4.82 10.93
N ASN A 155 4.70 5.45 11.08
CA ASN A 155 4.66 6.78 11.65
C ASN A 155 3.61 6.94 12.76
N THR A 156 3.62 8.11 13.41
CA THR A 156 2.63 8.42 14.49
C THR A 156 1.30 9.06 14.01
N GLN A 157 1.39 9.82 12.89
CA GLN A 157 0.22 10.36 12.16
C GLN A 157 -0.87 9.29 12.07
N CYS A 158 -0.46 8.09 11.63
CA CYS A 158 -1.40 6.97 11.44
C CYS A 158 -1.64 6.14 12.71
N LEU A 159 -0.55 5.57 13.25
CA LEU A 159 -0.66 4.57 14.30
C LEU A 159 -1.22 5.11 15.66
N LEU A 160 -1.07 6.39 15.93
CA LEU A 160 -1.54 6.96 17.20
C LEU A 160 -2.85 7.71 17.05
N GLU A 161 -3.43 7.63 15.87
CA GLU A 161 -4.74 8.19 15.66
C GLU A 161 -5.81 7.54 16.56
N LYS A 162 -6.69 8.41 17.13
CA LYS A 162 -7.64 8.06 18.19
C LYS A 162 -8.66 7.01 17.84
N ASN A 163 -8.83 6.75 16.56
CA ASN A 163 -9.76 5.75 16.12
C ASN A 163 -9.05 4.51 15.54
N ARG A 164 -7.77 4.30 15.86
CA ARG A 164 -7.11 3.03 15.46
C ARG A 164 -7.10 2.07 16.64
N ASN A 165 -6.18 2.30 17.58
CA ASN A 165 -6.13 1.49 18.80
C ASN A 165 -6.02 2.40 20.04
N PRO A 166 -7.08 3.20 20.31
CA PRO A 166 -7.05 4.21 21.40
C PRO A 166 -6.74 3.66 22.82
N HIS A 167 -6.96 2.38 23.10
CA HIS A 167 -6.69 1.83 24.44
C HIS A 167 -5.18 1.61 24.66
N LEU A 168 -4.42 1.77 23.59
CA LEU A 168 -2.96 1.61 23.65
C LEU A 168 -2.22 2.91 23.56
N ASN A 169 -1.09 3.01 24.28
CA ASN A 169 -0.10 4.09 24.05
C ASN A 169 0.91 3.74 22.92
N GLN A 170 1.82 4.66 22.58
CA GLN A 170 2.77 4.41 21.47
C GLN A 170 3.66 3.20 21.77
N ASN A 171 4.09 3.13 23.03
CA ASN A 171 4.80 2.00 23.64
C ASN A 171 4.06 0.68 23.54
N GLY A 172 2.77 0.69 23.89
CA GLY A 172 1.90 -0.43 23.66
C GLY A 172 1.71 -0.85 22.19
N ILE A 173 1.65 0.12 21.26
CA ILE A 173 1.55 -0.15 19.78
C ILE A 173 2.85 -0.78 19.21
N GLU A 174 3.99 -0.14 19.48
CA GLU A 174 5.29 -0.77 19.26
C GLU A 174 5.44 -2.18 19.82
N THR A 175 4.93 -2.40 21.02
CA THR A 175 5.00 -3.73 21.60
C THR A 175 4.21 -4.77 20.78
N MET A 176 3.07 -4.39 20.18
CA MET A 176 2.33 -5.35 19.35
C MET A 176 3.00 -5.56 17.99
N LEU A 177 3.64 -4.52 17.48
CA LEU A 177 4.50 -4.67 16.31
C LEU A 177 5.59 -5.69 16.57
N LYS A 178 6.36 -5.49 17.64
CA LYS A 178 7.34 -6.51 18.04
C LYS A 178 6.76 -7.93 18.17
N LYS A 179 5.67 -8.08 18.90
CA LYS A 179 5.16 -9.41 19.27
C LYS A 179 4.37 -10.07 18.13
N GLU A 180 3.61 -9.29 17.34
CA GLU A 180 2.83 -9.90 16.25
C GLU A 180 3.57 -9.98 14.94
N LEU A 181 4.39 -9.00 14.64
CA LEU A 181 5.06 -8.96 13.34
C LEU A 181 6.56 -9.26 13.41
N GLY A 182 7.08 -9.44 14.62
CA GLY A 182 8.47 -9.76 14.76
C GLY A 182 9.51 -8.67 14.54
N ALA A 183 9.10 -7.39 14.59
CA ALA A 183 10.03 -6.26 14.54
C ALA A 183 11.07 -6.37 15.63
N LYS A 184 12.33 -6.15 15.24
CA LYS A 184 13.42 -6.04 16.18
C LYS A 184 13.60 -4.58 16.60
N GLN A 185 13.41 -3.68 15.62
CA GLN A 185 13.29 -2.24 15.83
C GLN A 185 12.08 -1.68 15.05
N VAL A 186 11.51 -0.60 15.56
CA VAL A 186 10.47 0.11 14.85
C VAL A 186 10.97 1.51 14.61
N LEU A 187 11.06 1.87 13.33
CA LEU A 187 11.51 3.19 12.97
C LEU A 187 10.27 4.07 12.97
N TRP A 188 10.24 5.13 13.82
CA TRP A 188 9.05 5.98 13.90
C TRP A 188 9.39 7.35 13.42
N TYR A 189 8.54 7.94 12.57
CA TYR A 189 8.66 9.35 12.25
C TYR A 189 7.28 10.00 12.53
N SER A 190 7.22 11.34 12.52
CA SER A 190 6.07 12.09 12.97
C SER A 190 5.60 13.19 12.05
N TYR A 191 6.43 13.55 11.06
CA TYR A 191 6.06 14.58 10.11
C TYR A 191 5.85 14.03 8.71
N GLY A 192 5.14 14.80 7.90
CA GLY A 192 4.88 14.46 6.49
C GLY A 192 3.41 14.13 6.28
N TYR A 193 2.88 14.56 5.14
CA TYR A 193 1.47 14.40 4.85
C TYR A 193 1.29 14.69 3.38
N LEU A 194 0.14 14.32 2.88
CA LEU A 194 -0.24 14.67 1.53
C LEU A 194 -1.66 15.24 1.51
N LYS A 195 -1.83 16.43 0.91
CA LYS A 195 -3.14 17.08 0.90
C LYS A 195 -4.08 16.27 -0.02
N GLY A 196 -5.29 15.98 0.46
CA GLY A 196 -6.21 15.08 -0.22
C GLY A 196 -6.26 13.66 0.33
N ASP A 197 -5.16 13.20 0.91
CA ASP A 197 -5.06 11.93 1.65
C ASP A 197 -6.01 11.87 2.86
N ASP A 198 -6.78 10.78 2.97
CA ASP A 198 -7.58 10.48 4.20
C ASP A 198 -7.13 9.28 5.02
N THR A 199 -5.92 8.77 4.80
CA THR A 199 -5.55 7.59 5.50
C THR A 199 -4.86 7.93 6.79
N ASP A 200 -4.72 9.23 7.08
CA ASP A 200 -3.83 9.73 8.18
C ASP A 200 -2.34 9.53 7.88
N SER A 201 -1.94 9.86 6.65
CA SER A 201 -0.51 9.82 6.21
C SER A 201 0.15 8.44 6.24
N HIS A 202 -0.55 7.43 5.80
CA HIS A 202 0.08 6.14 5.54
C HIS A 202 1.52 6.26 5.12
N THR A 203 2.44 5.60 5.86
CA THR A 203 3.85 5.55 5.42
C THR A 203 3.97 5.16 3.90
N ASP A 204 3.13 4.26 3.43
CA ASP A 204 3.31 3.81 2.03
C ASP A 204 3.12 4.97 1.02
N THR A 205 2.62 6.13 1.44
CA THR A 205 2.67 7.32 0.61
C THR A 205 3.84 8.31 0.87
N LEU A 206 4.67 8.01 1.89
CA LEU A 206 5.63 8.98 2.43
C LEU A 206 7.03 8.43 2.52
N ALA A 207 7.16 7.17 2.91
CA ALA A 207 8.46 6.64 3.23
C ALA A 207 8.40 5.12 3.33
N ARG A 208 9.14 4.44 2.44
CA ARG A 208 9.12 2.98 2.20
C ARG A 208 10.50 2.31 2.04
N PHE A 209 10.66 1.05 2.43
CA PHE A 209 11.94 0.39 2.06
C PHE A 209 11.93 0.04 0.57
N LEU A 210 13.01 0.33 -0.16
CA LEU A 210 13.08 -0.11 -1.55
C LEU A 210 13.74 -1.46 -1.58
N ASP A 211 14.64 -1.60 -0.62
CA ASP A 211 15.39 -2.79 -0.37
C ASP A 211 15.82 -2.71 1.08
N LYS A 212 16.49 -3.74 1.57
CA LYS A 212 16.89 -3.81 2.97
C LYS A 212 17.89 -2.69 3.47
N ASP A 213 18.54 -1.94 2.56
CA ASP A 213 19.46 -0.87 2.97
C ASP A 213 18.97 0.52 2.57
N THR A 214 17.81 0.62 1.91
CA THR A 214 17.34 1.87 1.24
C THR A 214 15.87 2.31 1.59
N ILE A 215 15.71 3.58 1.96
CA ILE A 215 14.41 4.21 2.19
C ILE A 215 14.15 5.22 1.06
N VAL A 216 13.06 4.99 0.32
CA VAL A 216 12.59 5.93 -0.70
C VAL A 216 11.43 6.73 -0.11
N TYR A 217 11.46 8.05 -0.27
CA TYR A 217 10.45 8.94 0.36
C TYR A 217 9.86 10.03 -0.58
N SER A 218 8.71 10.60 -0.18
CA SER A 218 8.07 11.68 -0.94
C SER A 218 8.77 13.06 -0.64
N ALA A 219 9.04 13.85 -1.67
CA ALA A 219 9.75 15.13 -1.54
C ALA A 219 9.15 16.28 -2.34
N CYS A 220 9.49 17.49 -1.88
CA CYS A 220 9.02 18.75 -2.45
C CYS A 220 10.15 19.77 -2.44
N GLU A 221 10.45 20.31 -3.62
CA GLU A 221 11.45 21.39 -3.76
C GLU A 221 10.80 22.77 -3.76
N ASP A 222 9.54 22.83 -4.17
CA ASP A 222 8.83 24.10 -4.22
C ASP A 222 8.59 24.66 -2.82
N LYS A 223 9.34 25.71 -2.47
CA LYS A 223 9.23 26.37 -1.14
C LYS A 223 7.88 27.05 -0.99
N ASN A 224 7.22 27.25 -2.14
CA ASN A 224 5.89 27.87 -2.24
C ASN A 224 4.75 26.84 -2.10
N ASP A 225 5.06 25.56 -2.33
CA ASP A 225 4.11 24.44 -2.19
C ASP A 225 3.80 24.16 -0.72
N GLU A 226 2.52 23.95 -0.40
CA GLU A 226 2.08 23.79 1.01
C GLU A 226 2.79 22.67 1.80
N HIS A 227 3.30 21.69 1.06
CA HIS A 227 3.94 20.51 1.65
C HIS A 227 5.39 20.72 2.04
N TYR A 228 6.02 21.82 1.56
CA TYR A 228 7.48 21.96 1.66
C TYR A 228 7.95 21.75 3.06
N THR A 229 7.34 22.41 4.05
CA THR A 229 7.89 22.34 5.41
C THR A 229 7.80 20.92 5.99
N ALA A 230 6.58 20.39 6.06
CA ALA A 230 6.38 19.10 6.66
C ALA A 230 7.24 18.02 5.96
N LEU A 231 7.33 18.01 4.61
CA LEU A 231 8.18 17.00 3.95
C LEU A 231 9.69 17.16 4.26
N LYS A 232 10.18 18.39 4.53
CA LYS A 232 11.59 18.53 4.82
C LYS A 232 11.83 18.18 6.30
N LYS A 233 10.88 18.51 7.16
CA LYS A 233 10.93 18.05 8.57
C LYS A 233 10.93 16.52 8.53
N MET A 234 10.10 15.92 7.66
CA MET A 234 10.10 14.43 7.54
C MET A 234 11.44 13.86 7.09
N GLN A 235 12.03 14.49 6.09
CA GLN A 235 13.35 14.08 5.59
C GLN A 235 14.43 14.06 6.68
N GLU A 236 14.41 15.07 7.57
CA GLU A 236 15.40 15.10 8.67
C GLU A 236 15.16 14.01 9.73
N GLU A 237 13.90 13.60 9.94
CA GLU A 237 13.63 12.42 10.77
C GLU A 237 14.17 11.17 10.13
N LEU A 238 13.95 11.00 8.82
CA LEU A 238 14.46 9.83 8.10
C LEU A 238 15.98 9.71 8.27
N LYS A 239 16.63 10.87 8.37
CA LYS A 239 18.10 10.93 8.45
C LYS A 239 18.71 10.40 9.75
N THR A 240 17.88 10.37 10.80
CA THR A 240 18.23 9.85 12.12
C THR A 240 18.16 8.33 12.14
N PHE A 241 17.41 7.73 11.21
CA PHE A 241 17.19 6.26 11.23
C PHE A 241 18.48 5.52 10.93
N LYS A 242 18.75 4.50 11.73
CA LYS A 242 19.87 3.58 11.51
C LYS A 242 19.37 2.14 11.30
N LYS A 243 20.09 1.35 10.49
CA LYS A 243 19.82 -0.07 10.32
C LYS A 243 20.18 -0.84 11.57
N LEU A 244 19.94 -2.15 11.61
CA LEU A 244 20.29 -2.92 12.82
C LEU A 244 21.82 -3.13 13.02
N ASP A 245 22.58 -2.94 11.96
CA ASP A 245 24.04 -2.98 12.02
C ASP A 245 24.58 -1.59 12.38
N LYS A 246 23.66 -0.69 12.77
CA LYS A 246 23.92 0.70 13.16
C LYS A 246 24.39 1.66 12.02
N THR A 247 24.37 1.18 10.77
CA THR A 247 24.71 2.04 9.62
C THR A 247 23.45 2.79 9.11
N PRO A 248 23.60 4.08 8.72
CA PRO A 248 22.58 4.87 8.06
C PRO A 248 21.91 4.15 6.87
N TYR A 249 20.67 4.55 6.54
CA TYR A 249 20.02 4.14 5.30
C TYR A 249 20.50 5.00 4.14
N LYS A 250 20.59 4.39 2.97
CA LYS A 250 20.59 5.18 1.76
C LYS A 250 19.22 5.82 1.67
N LEU A 251 19.13 7.04 1.17
CA LEU A 251 17.86 7.75 1.12
C LEU A 251 17.62 8.31 -0.28
N ILE A 252 16.49 7.97 -0.89
CA ILE A 252 16.17 8.38 -2.27
C ILE A 252 14.90 9.23 -2.28
N PRO A 253 15.03 10.58 -2.45
CA PRO A 253 13.87 11.45 -2.49
C PRO A 253 13.14 11.34 -3.84
N LEU A 254 11.83 11.12 -3.84
CA LEU A 254 11.09 11.28 -5.10
C LEU A 254 10.13 12.47 -5.03
N GLU A 255 10.38 13.48 -5.85
CA GLU A 255 9.56 14.70 -5.88
C GLU A 255 8.17 14.38 -6.33
N ILE A 256 7.19 14.86 -5.57
CA ILE A 256 5.78 14.69 -5.87
C ILE A 256 5.45 15.41 -7.20
N PRO A 257 4.48 14.94 -7.99
CA PRO A 257 4.27 15.75 -9.20
C PRO A 257 3.72 17.17 -8.96
N LYS A 258 3.63 17.94 -10.04
CA LYS A 258 2.87 19.17 -10.07
C LYS A 258 1.44 18.96 -9.55
N ALA A 259 0.91 19.95 -8.84
CA ALA A 259 -0.43 19.87 -8.25
C ALA A 259 -1.49 19.37 -9.23
N ILE A 260 -2.26 18.38 -8.77
CA ILE A 260 -3.43 17.87 -9.47
C ILE A 260 -4.70 18.20 -8.64
N PHE A 261 -5.75 18.69 -9.31
CA PHE A 261 -6.99 19.08 -8.62
C PHE A 261 -8.21 18.30 -9.11
N ASP A 262 -9.20 18.09 -8.23
CA ASP A 262 -10.52 17.60 -8.72
C ASP A 262 -11.37 18.73 -9.31
N GLU A 263 -12.58 18.39 -9.78
CA GLU A 263 -13.45 19.36 -10.46
C GLU A 263 -13.98 20.46 -9.54
N ASN A 264 -13.87 20.25 -8.22
CA ASN A 264 -14.22 21.27 -7.23
C ASN A 264 -12.96 21.84 -6.56
N GLN A 265 -11.84 21.70 -7.26
CA GLN A 265 -10.54 22.35 -6.96
C GLN A 265 -9.84 21.87 -5.68
N GLN A 266 -10.27 20.72 -5.17
CA GLN A 266 -9.59 20.10 -4.02
C GLN A 266 -8.40 19.33 -4.56
N ARG A 267 -7.25 19.51 -3.92
CA ARG A 267 -6.01 18.87 -4.34
C ARG A 267 -6.02 17.34 -4.09
N LEU A 268 -5.49 16.56 -5.05
CA LEU A 268 -5.38 15.09 -5.02
C LEU A 268 -3.98 14.66 -4.55
N PRO A 269 -3.90 13.63 -3.67
CA PRO A 269 -2.62 13.19 -3.06
C PRO A 269 -1.69 12.27 -3.93
N ALA A 270 -1.14 12.78 -5.01
CA ALA A 270 -0.31 11.96 -5.89
C ALA A 270 1.13 11.84 -5.35
N THR A 271 1.65 10.62 -5.43
CA THR A 271 3.02 10.36 -5.03
C THR A 271 3.63 9.15 -5.73
N TYR A 272 4.93 9.25 -6.05
CA TYR A 272 5.64 8.18 -6.68
C TYR A 272 6.04 7.04 -5.75
N VAL A 273 5.93 7.26 -4.42
CA VAL A 273 6.32 6.29 -3.41
C VAL A 273 5.31 5.11 -3.35
N ASN A 274 4.14 5.29 -4.00
CA ASN A 274 3.07 4.26 -3.97
C ASN A 274 3.30 3.29 -5.12
N PHE A 275 4.53 2.81 -5.23
CA PHE A 275 4.93 1.77 -6.18
C PHE A 275 4.53 0.34 -5.70
N LEU A 276 4.65 -0.63 -6.60
CA LEU A 276 4.57 -2.02 -6.20
C LEU A 276 5.88 -2.69 -6.59
N LEU A 277 6.53 -3.33 -5.61
CA LEU A 277 7.63 -4.23 -5.84
C LEU A 277 7.04 -5.57 -6.22
N CYS A 278 7.28 -5.99 -7.46
CA CYS A 278 6.57 -7.15 -7.98
C CYS A 278 7.47 -8.18 -8.73
N ASN A 279 8.06 -9.10 -7.96
CA ASN A 279 9.06 -10.03 -8.43
C ASN A 279 10.20 -9.40 -9.26
N ASP A 280 10.27 -9.72 -10.56
CA ASP A 280 11.27 -9.13 -11.49
C ASP A 280 11.09 -7.62 -11.79
N ALA A 281 10.01 -7.01 -11.29
CA ALA A 281 9.61 -5.70 -11.76
C ALA A 281 9.33 -4.76 -10.59
N LEU A 282 9.77 -3.53 -10.76
CA LEU A 282 9.28 -2.40 -9.98
C LEU A 282 8.25 -1.62 -10.81
N ILE A 283 6.99 -1.70 -10.39
CA ILE A 283 5.91 -0.99 -11.06
C ILE A 283 5.53 0.28 -10.32
N VAL A 284 5.56 1.36 -11.05
CA VAL A 284 5.65 2.66 -10.49
C VAL A 284 4.50 3.46 -11.04
N PRO A 285 3.73 4.16 -10.17
CA PRO A 285 2.66 5.03 -10.64
C PRO A 285 3.23 6.22 -11.39
N THR A 286 2.58 6.61 -12.48
CA THR A 286 2.86 7.87 -13.21
C THR A 286 1.57 8.67 -13.26
N TYR A 287 1.70 9.97 -13.50
CA TYR A 287 0.61 10.91 -13.31
C TYR A 287 0.41 11.87 -14.49
N ASN A 288 0.84 11.44 -15.68
CA ASN A 288 0.87 12.28 -16.88
C ASN A 288 1.53 13.65 -16.55
N ASP A 289 2.61 13.57 -15.79
CA ASP A 289 3.42 14.70 -15.36
C ASP A 289 4.72 14.66 -16.16
N PRO A 290 5.22 15.82 -16.64
CA PRO A 290 6.58 15.86 -17.24
C PRO A 290 7.70 15.19 -16.42
N LYS A 291 7.58 15.22 -15.09
CA LYS A 291 8.54 14.59 -14.21
C LYS A 291 8.40 13.06 -14.12
N ASP A 292 7.38 12.45 -14.77
CA ASP A 292 7.20 10.99 -14.73
C ASP A 292 8.43 10.22 -15.19
N ALA A 293 8.91 10.51 -16.40
CA ALA A 293 10.13 9.85 -16.91
C ALA A 293 11.36 10.01 -15.99
N LEU A 294 11.56 11.20 -15.45
CA LEU A 294 12.66 11.42 -14.52
C LEU A 294 12.57 10.51 -13.28
N ILE A 295 11.36 10.32 -12.77
CA ILE A 295 11.14 9.47 -11.59
C ILE A 295 11.61 8.08 -11.91
N LEU A 296 11.14 7.59 -13.07
CA LEU A 296 11.42 6.26 -13.54
C LEU A 296 12.90 6.03 -13.78
N GLU A 297 13.57 7.03 -14.36
CA GLU A 297 15.01 6.88 -14.62
C GLU A 297 15.76 6.92 -13.30
N THR A 298 15.27 7.77 -12.41
CA THR A 298 15.86 7.90 -11.08
C THR A 298 15.93 6.59 -10.29
N LEU A 299 14.80 5.87 -10.28
CA LEU A 299 14.68 4.53 -9.69
C LEU A 299 15.44 3.42 -10.39
N LYS A 300 15.56 3.47 -11.72
CA LYS A 300 16.36 2.46 -12.44
C LYS A 300 17.79 2.33 -11.92
N GLN A 301 18.33 3.43 -11.39
CA GLN A 301 19.69 3.46 -10.86
C GLN A 301 19.90 2.69 -9.57
N HIS A 302 18.80 2.39 -8.87
CA HIS A 302 18.89 1.85 -7.50
C HIS A 302 18.31 0.44 -7.39
N THR A 303 17.88 -0.10 -8.52
CA THR A 303 17.34 -1.44 -8.57
C THR A 303 17.78 -2.18 -9.84
N PRO A 304 18.08 -3.50 -9.73
CA PRO A 304 18.32 -4.42 -10.85
C PRO A 304 17.03 -4.92 -11.52
N LEU A 305 15.88 -4.59 -10.89
CA LEU A 305 14.53 -4.91 -11.42
C LEU A 305 14.11 -4.04 -12.62
N GLU A 306 13.18 -4.54 -13.41
CA GLU A 306 12.64 -3.77 -14.54
C GLU A 306 11.61 -2.74 -14.08
N VAL A 307 11.85 -1.47 -14.38
CA VAL A 307 10.96 -0.35 -14.01
C VAL A 307 9.92 -0.13 -15.11
N ILE A 308 8.63 -0.22 -14.71
CA ILE A 308 7.47 0.00 -15.57
C ILE A 308 6.63 1.09 -14.91
N GLY A 309 6.40 2.16 -15.66
CA GLY A 309 5.34 3.09 -15.30
C GLY A 309 3.98 2.52 -15.58
N VAL A 310 3.01 2.93 -14.77
CA VAL A 310 1.61 2.64 -15.06
C VAL A 310 0.79 3.85 -14.61
N ASP A 311 -0.08 4.32 -15.49
CA ASP A 311 -0.88 5.50 -15.29
C ASP A 311 -1.90 5.28 -14.20
N CYS A 312 -1.91 6.20 -13.24
CA CYS A 312 -2.78 6.16 -12.06
C CYS A 312 -3.63 7.41 -11.83
N ASN A 313 -3.70 8.25 -12.85
CA ASN A 313 -4.62 9.38 -12.84
C ASN A 313 -6.09 9.07 -12.47
N THR A 314 -6.61 7.95 -12.98
CA THR A 314 -7.90 7.44 -12.44
C THR A 314 -7.85 7.08 -10.96
N LEU A 315 -6.87 6.29 -10.52
CA LEU A 315 -6.79 5.90 -9.09
C LEU A 315 -6.83 7.07 -8.11
N ILE A 316 -6.03 8.11 -8.34
CA ILE A 316 -5.97 9.29 -7.47
C ILE A 316 -7.21 10.20 -7.44
N LYS A 317 -8.08 10.11 -8.42
CA LYS A 317 -9.40 10.70 -8.28
C LYS A 317 -10.12 10.21 -7.02
N GLN A 318 -9.88 8.97 -6.62
CA GLN A 318 -10.47 8.49 -5.39
C GLN A 318 -9.43 8.40 -4.26
N HIS A 319 -8.42 9.27 -4.36
CA HIS A 319 -7.53 9.65 -3.24
C HIS A 319 -6.58 8.51 -2.81
N GLY A 320 -6.33 7.60 -3.73
CA GLY A 320 -5.34 6.50 -3.58
C GLY A 320 -4.58 6.22 -4.86
N SER A 321 -3.52 5.39 -4.78
CA SER A 321 -2.67 5.09 -5.93
C SER A 321 -2.28 3.60 -6.07
N LEU A 322 -1.25 3.26 -6.86
CA LEU A 322 -1.06 1.80 -7.26
C LEU A 322 -0.94 0.83 -6.12
N HIS A 323 -0.04 1.13 -5.19
CA HIS A 323 0.26 0.24 -4.09
C HIS A 323 -1.01 0.00 -3.25
N CYS A 324 -1.87 1.01 -3.18
CA CYS A 324 -3.06 0.92 -2.33
C CYS A 324 -4.04 -0.10 -2.80
N VAL A 325 -3.91 -0.50 -4.06
CA VAL A 325 -4.90 -1.37 -4.72
C VAL A 325 -4.44 -2.87 -4.74
N THR A 326 -3.36 -3.15 -4.01
CA THR A 326 -2.71 -4.45 -4.06
C THR A 326 -2.41 -4.99 -2.73
N MET A 327 -2.40 -6.33 -2.60
CA MET A 327 -1.69 -6.87 -1.47
C MET A 327 -0.89 -8.05 -1.88
N GLN A 328 0.42 -8.06 -1.63
CA GLN A 328 1.15 -9.26 -2.10
C GLN A 328 0.86 -10.47 -1.25
N LEU A 329 0.82 -11.65 -1.89
CA LEU A 329 0.72 -12.94 -1.15
C LEU A 329 1.86 -13.91 -1.51
N TYR A 330 2.22 -14.75 -0.56
CA TYR A 330 3.47 -15.55 -0.66
C TYR A 330 3.05 -16.99 -0.75
#